data_7QPS
#
_entry.id   7QPS
#
_cell.length_a   90.887
_cell.length_b   90.887
_cell.length_c   262.359
_cell.angle_alpha   90.00
_cell.angle_beta   90.00
_cell.angle_gamma   90.00
#
_symmetry.space_group_name_H-M   'P 41 2 2'
#
loop_
_entity.id
_entity.type
_entity.pdbx_description
1 polymer 'ACT domain protein'
2 non-polymer 'ADENOSINE MONOPHOSPHATE'
3 water water
#
_entity_poly.entity_id   1
_entity_poly.type   'polypeptide(L)'
_entity_poly.pdbx_seq_one_letter_code
;MPGEEVSQAKQQLKLIIDPYLSVSEVEKVLAACDFGDLAHTGITRKSGEPYILHPIAVSCILANMRLDPETLMAALLHDV
IEDTQYTKDDIIERFGQTVAELVDGVTKLSQSSDKEYNKAASFRKILQATLQDPRVIIIKLADRYHNMTTLGALRPDKRA
RIAQETFDIFVPMARLVGMNEMADNLENLCYQNLDLDMFDNVQNALLQTKPERCKYQSIWEQNLAELLHNYHIQGRIKKK
NNNIELLRHFVKNEMDLQELTHSHAFEIVLQSIADCDRLVAALKENFQVIQYQDHIRRPLPGGNQSLMIKLKGEKTTLSL
TIQTELMRKAARFGVVLG
;
_entity_poly.pdbx_strand_id   A,B
#
# COMPACT_ATOMS: atom_id res chain seq x y z
N PRO A 2 3.07 -21.31 -40.63
CA PRO A 2 2.48 -22.62 -40.32
C PRO A 2 2.03 -22.71 -38.85
N GLY A 3 1.93 -23.94 -38.30
CA GLY A 3 1.59 -24.16 -36.91
C GLY A 3 2.67 -23.69 -35.94
N GLU A 4 3.86 -23.32 -36.46
CA GLU A 4 5.00 -22.77 -35.73
C GLU A 4 4.71 -21.36 -35.20
N GLU A 5 3.75 -20.63 -35.81
CA GLU A 5 3.33 -19.30 -35.37
C GLU A 5 2.37 -19.46 -34.17
N VAL A 6 1.43 -20.43 -34.27
CA VAL A 6 0.42 -20.74 -33.27
C VAL A 6 1.07 -21.22 -31.97
N SER A 7 2.03 -22.15 -32.07
CA SER A 7 2.73 -22.71 -30.91
C SER A 7 3.72 -21.73 -30.30
N GLN A 8 4.29 -20.83 -31.11
CA GLN A 8 5.19 -19.79 -30.61
C GLN A 8 4.37 -18.73 -29.83
N ALA A 9 3.13 -18.46 -30.27
CA ALA A 9 2.24 -17.52 -29.60
C ALA A 9 1.82 -18.08 -28.24
N LYS A 10 1.53 -19.40 -28.17
CA LYS A 10 1.16 -20.04 -26.91
C LYS A 10 2.26 -19.92 -25.85
N GLN A 11 3.53 -19.95 -26.28
CA GLN A 11 4.64 -19.81 -25.35
C GLN A 11 4.82 -18.39 -24.84
N GLN A 12 4.42 -17.39 -25.64
CA GLN A 12 4.45 -15.98 -25.25
C GLN A 12 3.42 -15.75 -24.13
N LEU A 13 2.23 -16.37 -24.26
CA LEU A 13 1.18 -16.30 -23.25
C LEU A 13 1.69 -16.94 -21.95
N LYS A 14 2.33 -18.13 -22.08
CA LYS A 14 2.91 -18.88 -20.97
C LYS A 14 3.96 -18.08 -20.19
N LEU A 15 4.78 -17.27 -20.88
CA LEU A 15 5.78 -16.44 -20.19
C LEU A 15 5.14 -15.40 -19.25
N ILE A 16 3.92 -14.95 -19.58
CA ILE A 16 3.20 -13.94 -18.82
C ILE A 16 2.46 -14.54 -17.63
N ILE A 17 1.85 -15.72 -17.81
CA ILE A 17 1.03 -16.33 -16.77
C ILE A 17 1.83 -17.10 -15.71
N ASP A 18 3.03 -17.59 -16.06
CA ASP A 18 3.86 -18.33 -15.12
C ASP A 18 4.19 -17.54 -13.83
N PRO A 19 4.55 -16.25 -13.86
CA PRO A 19 4.86 -15.54 -12.60
C PRO A 19 3.79 -15.47 -11.51
N TYR A 20 2.50 -15.29 -11.87
CA TYR A 20 1.45 -15.11 -10.87
C TYR A 20 0.40 -16.24 -10.80
N LEU A 21 0.22 -17.05 -11.86
CA LEU A 21 -0.78 -18.13 -11.83
C LEU A 21 -0.13 -19.44 -11.49
N SER A 22 -0.75 -20.26 -10.61
CA SER A 22 -0.21 -21.59 -10.23
C SER A 22 -0.16 -22.57 -11.43
N VAL A 23 0.67 -23.63 -11.34
CA VAL A 23 0.83 -24.56 -12.46
C VAL A 23 -0.48 -25.27 -12.84
N SER A 24 -1.36 -25.56 -11.86
CA SER A 24 -2.63 -26.21 -12.16
C SER A 24 -3.51 -25.28 -13.03
N GLU A 25 -3.50 -23.98 -12.72
CA GLU A 25 -4.26 -22.99 -13.48
C GLU A 25 -3.61 -22.72 -14.82
N VAL A 26 -2.27 -22.68 -14.89
CA VAL A 26 -1.55 -22.50 -16.15
C VAL A 26 -1.87 -23.67 -17.11
N GLU A 27 -2.09 -24.89 -16.58
CA GLU A 27 -2.46 -26.05 -17.38
C GLU A 27 -3.81 -25.81 -18.05
N LYS A 28 -4.79 -25.30 -17.27
CA LYS A 28 -6.14 -25.03 -17.75
C LYS A 28 -6.17 -23.97 -18.87
N VAL A 29 -5.45 -22.85 -18.67
CA VAL A 29 -5.44 -21.77 -19.64
C VAL A 29 -4.84 -22.22 -20.95
N LEU A 30 -3.75 -23.00 -20.89
CA LEU A 30 -3.12 -23.52 -22.11
C LEU A 30 -3.95 -24.61 -22.81
N ALA A 31 -4.78 -25.33 -22.05
CA ALA A 31 -5.69 -26.35 -22.57
C ALA A 31 -6.76 -25.69 -23.44
N ALA A 32 -7.26 -24.51 -23.01
CA ALA A 32 -8.25 -23.73 -23.74
C ALA A 32 -7.67 -23.21 -25.03
N CYS A 33 -6.40 -22.80 -25.00
CA CYS A 33 -5.65 -22.30 -26.15
C CYS A 33 -5.55 -23.39 -27.21
N ASP A 34 -5.24 -24.64 -26.77
CA ASP A 34 -5.14 -25.81 -27.66
C ASP A 34 -6.50 -26.19 -28.23
N PHE A 35 -7.57 -26.00 -27.47
CA PHE A 35 -8.93 -26.29 -27.92
C PHE A 35 -9.42 -25.25 -28.93
N GLY A 36 -9.03 -23.99 -28.74
CA GLY A 36 -9.38 -22.91 -29.64
C GLY A 36 -8.80 -23.15 -31.02
N ASP A 37 -7.56 -23.65 -31.06
CA ASP A 37 -6.87 -23.99 -32.31
C ASP A 37 -7.40 -25.31 -32.91
N LEU A 38 -7.93 -26.20 -32.09
CA LEU A 38 -8.43 -27.49 -32.61
C LEU A 38 -9.66 -27.20 -33.46
N ALA A 39 -10.56 -26.40 -32.93
CA ALA A 39 -11.78 -26.02 -33.67
C ALA A 39 -11.41 -25.22 -34.92
N HIS A 40 -10.38 -24.37 -34.85
CA HIS A 40 -10.09 -23.44 -35.97
C HIS A 40 -9.13 -23.86 -37.09
N THR A 41 -9.51 -23.67 -38.37
CA THR A 41 -8.67 -23.71 -39.55
C THR A 41 -8.64 -22.26 -40.01
N GLY A 42 -7.44 -21.69 -40.16
CA GLY A 42 -7.33 -20.25 -40.48
C GLY A 42 -7.65 -19.94 -41.93
N ILE A 43 -8.94 -20.01 -42.30
CA ILE A 43 -9.36 -19.81 -43.72
C ILE A 43 -9.64 -18.33 -43.95
N THR A 44 -10.00 -17.60 -42.90
CA THR A 44 -10.30 -16.18 -43.00
C THR A 44 -9.08 -15.25 -42.86
N ARG A 45 -8.20 -15.18 -43.90
CA ARG A 45 -7.03 -14.29 -43.93
C ARG A 45 -6.24 -14.33 -42.62
N LYS A 46 -6.12 -15.53 -42.03
CA LYS A 46 -5.48 -15.70 -40.73
C LYS A 46 -4.78 -17.03 -40.59
N TYR A 51 -9.30 -17.40 -36.85
CA TYR A 51 -7.99 -16.93 -36.37
C TYR A 51 -7.74 -17.29 -34.92
N ILE A 52 -6.81 -18.21 -34.62
CA ILE A 52 -6.51 -18.54 -33.22
C ILE A 52 -5.63 -17.48 -32.56
N LEU A 53 -4.73 -16.86 -33.34
CA LEU A 53 -3.75 -15.92 -32.82
C LEU A 53 -4.32 -14.59 -32.39
N HIS A 54 -5.43 -14.08 -32.99
CA HIS A 54 -6.06 -12.83 -32.54
C HIS A 54 -6.56 -13.07 -31.08
N PRO A 55 -7.38 -14.12 -30.78
CA PRO A 55 -7.76 -14.40 -29.38
C PRO A 55 -6.59 -14.64 -28.42
N ILE A 56 -5.44 -15.13 -28.93
CA ILE A 56 -4.27 -15.32 -28.08
C ILE A 56 -3.63 -13.97 -27.80
N ALA A 57 -3.59 -13.08 -28.79
CA ALA A 57 -3.06 -11.74 -28.61
C ALA A 57 -3.93 -10.94 -27.65
N VAL A 58 -5.26 -11.13 -27.73
CA VAL A 58 -6.24 -10.57 -26.83
C VAL A 58 -5.97 -11.13 -25.42
N SER A 59 -5.82 -12.46 -25.28
CA SER A 59 -5.55 -13.10 -23.99
C SER A 59 -4.20 -12.71 -23.36
N CYS A 60 -3.22 -12.30 -24.19
CA CYS A 60 -1.91 -11.86 -23.71
C CYS A 60 -2.03 -10.47 -23.05
N ILE A 61 -2.91 -9.62 -23.61
CA ILE A 61 -3.21 -8.29 -23.08
C ILE A 61 -3.84 -8.49 -21.69
N LEU A 62 -4.81 -9.42 -21.59
CA LEU A 62 -5.48 -9.74 -20.34
C LEU A 62 -4.51 -10.34 -19.32
N ALA A 63 -3.66 -11.30 -19.76
CA ALA A 63 -2.65 -11.94 -18.91
C ALA A 63 -1.68 -10.93 -18.32
N ASN A 64 -1.38 -9.85 -19.08
CA ASN A 64 -0.50 -8.80 -18.58
C ASN A 64 -1.12 -7.94 -17.50
N MET A 65 -2.46 -7.90 -17.44
CA MET A 65 -3.17 -7.13 -16.42
C MET A 65 -3.49 -7.95 -15.18
N ARG A 66 -2.80 -9.13 -15.01
CA ARG A 66 -2.95 -10.05 -13.91
C ARG A 66 -4.39 -10.51 -13.81
N LEU A 67 -4.98 -10.88 -14.96
CA LEU A 67 -6.36 -11.34 -14.99
C LEU A 67 -6.45 -12.79 -14.58
N ASP A 68 -7.59 -13.19 -14.05
CA ASP A 68 -7.86 -14.54 -13.58
C ASP A 68 -7.92 -15.61 -14.70
N PRO A 69 -7.67 -16.90 -14.36
CA PRO A 69 -7.67 -17.95 -15.39
C PRO A 69 -8.96 -18.14 -16.19
N GLU A 70 -10.12 -17.84 -15.58
CA GLU A 70 -11.41 -17.98 -16.25
C GLU A 70 -11.56 -16.96 -17.38
N THR A 71 -11.17 -15.70 -17.10
CA THR A 71 -11.21 -14.62 -18.08
C THR A 71 -10.32 -14.95 -19.27
N LEU A 72 -9.11 -15.55 -19.01
CA LEU A 72 -8.15 -15.90 -20.05
C LEU A 72 -8.64 -17.03 -20.92
N MET A 73 -9.30 -18.04 -20.34
CA MET A 73 -9.85 -19.14 -21.13
C MET A 73 -10.97 -18.61 -22.03
N ALA A 74 -11.84 -17.76 -21.49
CA ALA A 74 -12.93 -17.14 -22.23
C ALA A 74 -12.45 -16.33 -23.44
N ALA A 75 -11.35 -15.58 -23.27
CA ALA A 75 -10.80 -14.79 -24.36
C ALA A 75 -10.32 -15.69 -25.50
N LEU A 76 -9.61 -16.79 -25.17
CA LEU A 76 -9.09 -17.76 -26.14
C LEU A 76 -10.19 -18.48 -26.90
N LEU A 77 -11.35 -18.72 -26.26
CA LEU A 77 -12.47 -19.40 -26.89
C LEU A 77 -13.46 -18.43 -27.53
N HIS A 78 -12.95 -17.32 -28.07
CA HIS A 78 -13.76 -16.31 -28.72
C HIS A 78 -14.45 -16.88 -29.96
N ASP A 79 -15.76 -16.63 -30.12
CA ASP A 79 -16.55 -17.08 -31.28
C ASP A 79 -16.47 -18.59 -31.52
N VAL A 80 -16.37 -19.39 -30.46
CA VAL A 80 -16.28 -20.83 -30.62
C VAL A 80 -17.64 -21.52 -30.55
N ILE A 81 -18.69 -20.86 -29.99
CA ILE A 81 -20.00 -21.49 -29.88
C ILE A 81 -21.02 -20.94 -30.91
N GLU A 82 -20.78 -19.75 -31.49
CA GLU A 82 -21.65 -19.18 -32.52
C GLU A 82 -21.08 -19.32 -33.93
N ASP A 83 -19.76 -19.19 -34.06
CA ASP A 83 -19.10 -19.29 -35.37
C ASP A 83 -18.58 -20.70 -35.68
N THR A 84 -18.27 -21.50 -34.64
CA THR A 84 -17.77 -22.86 -34.85
C THR A 84 -18.91 -23.91 -34.75
N GLN A 85 -18.66 -25.14 -35.24
CA GLN A 85 -19.63 -26.24 -35.23
C GLN A 85 -19.76 -26.90 -33.85
N TYR A 86 -20.04 -26.09 -32.83
CA TYR A 86 -20.24 -26.50 -31.45
C TYR A 86 -21.01 -25.41 -30.71
N THR A 87 -21.77 -25.78 -29.67
CA THR A 87 -22.55 -24.85 -28.84
C THR A 87 -22.73 -25.51 -27.48
N LYS A 88 -22.71 -24.72 -26.38
CA LYS A 88 -22.75 -25.26 -25.01
C LYS A 88 -21.62 -26.27 -24.74
N ASP A 89 -20.64 -26.34 -25.65
CA ASP A 89 -19.50 -27.22 -25.59
C ASP A 89 -18.53 -26.82 -24.50
N ASP A 90 -18.46 -25.54 -24.17
CA ASP A 90 -17.56 -25.06 -23.13
C ASP A 90 -17.89 -25.64 -21.72
N ILE A 91 -19.18 -25.72 -21.36
CA ILE A 91 -19.60 -26.29 -20.07
C ILE A 91 -19.25 -27.76 -20.03
N ILE A 92 -19.55 -28.47 -21.15
CA ILE A 92 -19.29 -29.91 -21.31
C ILE A 92 -17.76 -30.17 -21.22
N GLU A 93 -16.98 -29.30 -21.84
CA GLU A 93 -15.53 -29.37 -21.81
C GLU A 93 -15.01 -29.04 -20.41
N ARG A 94 -13.72 -29.27 -20.16
CA ARG A 94 -13.09 -28.97 -18.87
C ARG A 94 -13.32 -27.53 -18.40
N PHE A 95 -13.39 -26.57 -19.37
CA PHE A 95 -13.60 -25.14 -19.24
C PHE A 95 -14.72 -24.87 -18.21
N GLY A 96 -15.88 -25.44 -18.41
CA GLY A 96 -16.98 -25.39 -17.46
C GLY A 96 -17.92 -24.21 -17.64
N GLN A 97 -18.94 -24.13 -16.79
CA GLN A 97 -19.99 -23.11 -16.81
C GLN A 97 -19.54 -21.64 -16.92
N THR A 98 -18.66 -21.17 -16.00
CA THR A 98 -18.21 -19.77 -15.98
C THR A 98 -17.62 -19.34 -17.31
N VAL A 99 -16.74 -20.17 -17.87
CA VAL A 99 -16.12 -19.91 -19.18
C VAL A 99 -17.17 -19.86 -20.31
N ALA A 100 -18.10 -20.84 -20.36
CA ALA A 100 -19.15 -20.83 -21.37
C ALA A 100 -20.02 -19.56 -21.27
N GLU A 101 -20.30 -19.13 -20.03
CA GLU A 101 -21.06 -17.92 -19.68
C GLU A 101 -20.34 -16.65 -20.17
N LEU A 102 -19.04 -16.53 -19.89
CA LEU A 102 -18.25 -15.37 -20.31
C LEU A 102 -18.14 -15.32 -21.82
N VAL A 103 -17.93 -16.50 -22.46
CA VAL A 103 -17.83 -16.65 -23.90
C VAL A 103 -19.11 -16.14 -24.57
N ASP A 104 -20.28 -16.58 -24.06
CA ASP A 104 -21.57 -16.18 -24.58
C ASP A 104 -21.81 -14.68 -24.37
N GLY A 105 -21.46 -14.19 -23.18
CA GLY A 105 -21.59 -12.78 -22.82
C GLY A 105 -20.86 -11.85 -23.75
N VAL A 106 -19.65 -12.25 -24.16
CA VAL A 106 -18.83 -11.46 -25.07
C VAL A 106 -19.39 -11.48 -26.50
N THR A 107 -19.92 -12.63 -26.96
CA THR A 107 -20.52 -12.70 -28.30
C THR A 107 -21.82 -11.87 -28.36
N LYS A 108 -22.56 -11.78 -27.22
CA LYS A 108 -23.78 -10.97 -27.09
C LYS A 108 -23.44 -9.50 -27.36
N LEU A 109 -22.28 -9.04 -26.87
CA LEU A 109 -21.82 -7.67 -27.08
C LEU A 109 -21.13 -7.47 -28.43
N SER A 110 -21.35 -8.35 -29.41
CA SER A 110 -20.70 -8.24 -30.73
C SER A 110 -21.65 -8.47 -31.90
N ASN A 118 -29.20 0.83 -34.75
CA ASN A 118 -29.31 0.27 -33.40
C ASN A 118 -28.26 0.92 -32.48
N LYS A 119 -28.38 2.23 -32.25
CA LYS A 119 -27.39 2.98 -31.47
C LYS A 119 -27.57 2.90 -29.94
N ALA A 120 -28.80 3.13 -29.49
CA ALA A 120 -29.18 3.15 -28.08
C ALA A 120 -29.25 1.76 -27.49
N ALA A 121 -29.71 0.79 -28.27
CA ALA A 121 -29.82 -0.60 -27.82
C ALA A 121 -28.47 -1.25 -27.52
N SER A 122 -27.41 -0.77 -28.18
CA SER A 122 -26.04 -1.23 -27.99
C SER A 122 -25.56 -0.69 -26.65
N PHE A 123 -25.82 0.61 -26.36
CA PHE A 123 -25.45 1.26 -25.12
C PHE A 123 -26.10 0.53 -23.94
N ARG A 124 -27.38 0.12 -24.10
CA ARG A 124 -28.07 -0.61 -23.05
C ARG A 124 -27.39 -1.95 -22.81
N LYS A 125 -27.08 -2.67 -23.88
CA LYS A 125 -26.40 -3.95 -23.77
C LYS A 125 -25.03 -3.86 -23.11
N ILE A 126 -24.25 -2.81 -23.42
CA ILE A 126 -22.94 -2.60 -22.80
C ILE A 126 -23.09 -2.35 -21.33
N LEU A 127 -24.01 -1.46 -20.97
CA LEU A 127 -24.25 -1.12 -19.59
C LEU A 127 -24.73 -2.30 -18.79
N GLN A 128 -25.65 -3.08 -19.34
CA GLN A 128 -26.21 -4.26 -18.68
C GLN A 128 -25.14 -5.29 -18.40
N ALA A 129 -24.26 -5.54 -19.38
CA ALA A 129 -23.17 -6.50 -19.22
C ALA A 129 -22.19 -6.09 -18.12
N THR A 130 -21.98 -4.80 -17.90
CA THR A 130 -21.10 -4.31 -16.84
C THR A 130 -21.66 -4.71 -15.47
N LEU A 131 -22.98 -4.62 -15.31
CA LEU A 131 -23.64 -4.96 -14.04
C LEU A 131 -23.76 -6.47 -13.83
N GLN A 132 -23.77 -7.25 -14.90
CA GLN A 132 -23.82 -8.71 -14.83
C GLN A 132 -22.45 -9.24 -14.34
N ASP A 133 -21.39 -9.06 -15.14
CA ASP A 133 -20.02 -9.48 -14.82
C ASP A 133 -19.06 -8.57 -15.57
N PRO A 134 -18.33 -7.71 -14.85
CA PRO A 134 -17.38 -6.80 -15.52
C PRO A 134 -16.33 -7.49 -16.38
N ARG A 135 -16.06 -8.79 -16.12
CA ARG A 135 -15.12 -9.57 -16.91
C ARG A 135 -15.53 -9.67 -18.39
N VAL A 136 -16.81 -9.48 -18.72
CA VAL A 136 -17.25 -9.50 -20.12
C VAL A 136 -16.81 -8.21 -20.80
N ILE A 137 -16.86 -7.07 -20.06
CA ILE A 137 -16.42 -5.76 -20.52
C ILE A 137 -14.89 -5.74 -20.59
N ILE A 138 -14.20 -6.36 -19.60
CA ILE A 138 -12.75 -6.42 -19.59
C ILE A 138 -12.23 -7.21 -20.82
N ILE A 139 -12.94 -8.27 -21.24
CA ILE A 139 -12.54 -9.01 -22.44
C ILE A 139 -12.79 -8.15 -23.69
N LYS A 140 -13.95 -7.50 -23.74
CA LYS A 140 -14.35 -6.62 -24.86
C LYS A 140 -13.33 -5.47 -25.05
N LEU A 141 -12.85 -4.88 -23.94
CA LEU A 141 -11.88 -3.81 -23.95
C LEU A 141 -10.52 -4.27 -24.45
N ALA A 142 -10.08 -5.47 -24.08
CA ALA A 142 -8.81 -6.01 -24.57
C ALA A 142 -8.89 -6.29 -26.07
N ASP A 143 -10.06 -6.74 -26.56
CA ASP A 143 -10.31 -7.02 -27.97
C ASP A 143 -10.27 -5.74 -28.78
N ARG A 144 -10.83 -4.63 -28.24
CA ARG A 144 -10.80 -3.35 -28.95
C ARG A 144 -9.41 -2.72 -28.91
N TYR A 145 -8.64 -2.97 -27.83
CA TYR A 145 -7.26 -2.50 -27.76
C TYR A 145 -6.43 -3.17 -28.87
N HIS A 146 -6.56 -4.49 -29.01
CA HIS A 146 -5.87 -5.23 -30.04
C HIS A 146 -6.27 -4.78 -31.46
N ASN A 147 -7.55 -4.42 -31.67
CA ASN A 147 -7.99 -3.94 -32.98
C ASN A 147 -7.37 -2.60 -33.30
N MET A 148 -7.26 -1.67 -32.32
CA MET A 148 -6.66 -0.36 -32.56
C MET A 148 -5.21 -0.44 -33.04
N THR A 149 -4.49 -1.47 -32.62
CA THR A 149 -3.10 -1.72 -33.01
C THR A 149 -3.05 -2.16 -34.48
N THR A 150 -3.95 -3.07 -34.86
CA THR A 150 -4.01 -3.63 -36.20
C THR A 150 -4.91 -2.80 -37.15
N LEU A 151 -5.03 -1.49 -36.92
CA LEU A 151 -5.88 -0.66 -37.77
C LEU A 151 -5.21 -0.09 -39.01
N GLY A 152 -3.87 -0.14 -39.03
CA GLY A 152 -2.99 0.41 -40.05
C GLY A 152 -3.30 0.21 -41.53
N ALA A 153 -3.69 -1.01 -41.93
CA ALA A 153 -3.99 -1.34 -43.34
C ALA A 153 -5.18 -0.56 -43.93
N LEU A 154 -6.22 -0.36 -43.12
CA LEU A 154 -7.44 0.35 -43.52
C LEU A 154 -7.24 1.79 -44.02
N ARG A 155 -8.14 2.21 -44.90
CA ARG A 155 -8.23 3.54 -45.50
C ARG A 155 -8.35 4.61 -44.40
N PRO A 156 -7.78 5.82 -44.58
CA PRO A 156 -7.83 6.83 -43.51
C PRO A 156 -9.21 7.25 -43.03
N ASP A 157 -10.22 7.16 -43.90
CA ASP A 157 -11.60 7.50 -43.57
C ASP A 157 -12.20 6.42 -42.64
N LYS A 158 -11.96 5.14 -42.97
CA LYS A 158 -12.45 4.04 -42.16
C LYS A 158 -11.79 4.00 -40.78
N ARG A 159 -10.45 4.18 -40.73
CA ARG A 159 -9.66 4.18 -39.51
C ARG A 159 -10.17 5.20 -38.50
N ALA A 160 -10.51 6.41 -38.97
CA ALA A 160 -11.01 7.48 -38.09
C ALA A 160 -12.46 7.24 -37.59
N ARG A 161 -13.19 6.28 -38.18
CA ARG A 161 -14.56 5.96 -37.79
C ARG A 161 -14.54 4.96 -36.65
N ILE A 162 -13.66 3.96 -36.73
CA ILE A 162 -13.46 2.96 -35.68
C ILE A 162 -12.83 3.66 -34.46
N ALA A 163 -11.86 4.57 -34.71
CA ALA A 163 -11.21 5.33 -33.67
C ALA A 163 -12.22 6.18 -32.93
N GLN A 164 -13.16 6.82 -33.65
CA GLN A 164 -14.18 7.64 -32.99
C GLN A 164 -15.15 6.80 -32.13
N GLU A 165 -15.52 5.60 -32.57
CA GLU A 165 -16.40 4.72 -31.78
C GLU A 165 -15.69 4.27 -30.51
N THR A 166 -14.37 4.03 -30.59
CA THR A 166 -13.56 3.61 -29.44
C THR A 166 -13.41 4.77 -28.43
N PHE A 167 -13.26 5.99 -28.93
CA PHE A 167 -13.10 7.19 -28.15
C PHE A 167 -14.35 7.50 -27.35
N ASP A 168 -15.52 7.33 -27.97
CA ASP A 168 -16.80 7.65 -27.35
C ASP A 168 -17.32 6.55 -26.49
N ILE A 169 -17.06 5.28 -26.84
CA ILE A 169 -17.61 4.18 -26.09
C ILE A 169 -16.61 3.47 -25.21
N PHE A 170 -15.52 2.95 -25.77
CA PHE A 170 -14.60 2.11 -25.01
C PHE A 170 -13.66 2.83 -24.08
N VAL A 171 -13.26 4.08 -24.39
CA VAL A 171 -12.36 4.81 -23.48
C VAL A 171 -13.09 5.13 -22.16
N PRO A 172 -14.32 5.71 -22.17
CA PRO A 172 -15.01 5.96 -20.89
C PRO A 172 -15.48 4.68 -20.19
N MET A 173 -15.77 3.61 -20.96
CA MET A 173 -16.18 2.34 -20.37
C MET A 173 -15.05 1.69 -19.61
N ALA A 174 -13.78 1.90 -20.05
CA ALA A 174 -12.57 1.39 -19.43
C ALA A 174 -12.23 2.15 -18.16
N ARG A 175 -12.49 3.45 -18.12
CA ARG A 175 -12.28 4.23 -16.89
C ARG A 175 -13.34 3.79 -15.88
N LEU A 176 -14.61 3.57 -16.33
CA LEU A 176 -15.72 3.14 -15.50
C LEU A 176 -15.45 1.81 -14.79
N VAL A 177 -14.79 0.86 -15.47
CA VAL A 177 -14.48 -0.42 -14.86
C VAL A 177 -13.11 -0.44 -14.11
N GLY A 178 -12.53 0.75 -13.88
CA GLY A 178 -11.28 0.90 -13.15
C GLY A 178 -9.98 0.76 -13.94
N MET A 179 -10.07 0.35 -15.21
CA MET A 179 -8.90 0.17 -16.05
C MET A 179 -8.40 1.45 -16.71
N ASN A 180 -7.81 2.33 -15.89
CA ASN A 180 -7.31 3.63 -16.30
C ASN A 180 -6.07 3.62 -17.15
N GLU A 181 -5.16 2.65 -16.96
CA GLU A 181 -3.98 2.59 -17.81
C GLU A 181 -4.39 2.15 -19.20
N MET A 182 -5.25 1.13 -19.28
CA MET A 182 -5.83 0.59 -20.50
C MET A 182 -6.56 1.72 -21.27
N ALA A 183 -7.25 2.60 -20.55
CA ALA A 183 -7.98 3.70 -21.17
C ALA A 183 -7.05 4.74 -21.78
N ASP A 184 -5.97 5.11 -21.07
CA ASP A 184 -4.98 6.06 -21.57
C ASP A 184 -4.33 5.54 -22.85
N ASN A 185 -4.01 4.23 -22.88
CA ASN A 185 -3.40 3.59 -24.04
C ASN A 185 -4.38 3.58 -25.22
N LEU A 186 -5.64 3.28 -24.95
CA LEU A 186 -6.67 3.27 -25.97
C LEU A 186 -6.87 4.68 -26.53
N GLU A 187 -6.98 5.69 -25.66
CA GLU A 187 -7.18 7.09 -26.04
C GLU A 187 -6.04 7.57 -26.94
N ASN A 188 -4.80 7.15 -26.61
CA ASN A 188 -3.61 7.48 -27.38
C ASN A 188 -3.73 6.95 -28.81
N LEU A 189 -4.06 5.66 -28.99
CA LEU A 189 -4.26 5.05 -30.31
C LEU A 189 -5.40 5.73 -31.08
N CYS A 190 -6.46 6.21 -30.39
CA CYS A 190 -7.55 6.90 -31.05
C CYS A 190 -7.05 8.18 -31.71
N TYR A 191 -6.33 9.05 -30.97
CA TYR A 191 -5.78 10.30 -31.51
C TYR A 191 -4.88 10.05 -32.71
N GLN A 192 -4.16 8.93 -32.70
CA GLN A 192 -3.25 8.56 -33.77
C GLN A 192 -4.02 8.28 -35.08
N ASN A 193 -5.19 7.64 -34.95
CA ASN A 193 -6.03 7.26 -36.08
C ASN A 193 -7.08 8.35 -36.45
N LEU A 194 -7.36 9.30 -35.55
CA LEU A 194 -8.31 10.38 -35.83
C LEU A 194 -7.67 11.49 -36.66
N ASP A 195 -6.41 11.84 -36.32
CA ASP A 195 -5.65 12.90 -36.97
C ASP A 195 -4.18 12.64 -36.69
N LEU A 196 -3.52 11.90 -37.57
CA LEU A 196 -2.12 11.56 -37.41
C LEU A 196 -1.21 12.77 -37.39
N ASP A 197 -1.48 13.78 -38.24
CA ASP A 197 -0.67 15.00 -38.31
C ASP A 197 -0.77 15.77 -37.02
N MET A 198 -1.97 15.85 -36.44
CA MET A 198 -2.13 16.57 -35.18
C MET A 198 -1.39 15.84 -34.06
N PHE A 199 -1.48 14.50 -34.04
CA PHE A 199 -0.83 13.65 -33.07
C PHE A 199 0.66 13.85 -33.14
N ASP A 200 1.21 13.85 -34.38
CA ASP A 200 2.64 14.03 -34.66
C ASP A 200 3.12 15.42 -34.29
N ASN A 201 2.35 16.48 -34.57
CA ASN A 201 2.72 17.84 -34.17
C ASN A 201 2.82 17.95 -32.64
N VAL A 202 1.82 17.43 -31.93
CA VAL A 202 1.79 17.47 -30.46
C VAL A 202 2.84 16.55 -29.81
N GLN A 203 3.06 15.35 -30.36
CA GLN A 203 4.10 14.47 -29.82
C GLN A 203 5.49 15.12 -29.97
N ASN A 204 5.70 15.88 -31.06
CA ASN A 204 6.92 16.58 -31.34
C ASN A 204 7.13 17.70 -30.35
N ALA A 205 6.13 18.53 -30.10
CA ALA A 205 6.24 19.61 -29.11
C ALA A 205 6.49 19.02 -27.73
N LEU A 206 5.89 17.86 -27.39
CA LEU A 206 6.08 17.19 -26.11
C LEU A 206 7.51 16.73 -25.99
N LEU A 207 8.08 16.14 -27.07
CA LEU A 207 9.46 15.65 -27.08
C LEU A 207 10.46 16.82 -26.90
N GLN A 208 10.25 17.92 -27.65
CA GLN A 208 11.04 19.16 -27.60
C GLN A 208 11.12 19.77 -26.20
N THR A 209 9.97 19.90 -25.54
CA THR A 209 9.81 20.49 -24.22
C THR A 209 10.03 19.51 -23.07
N LYS A 210 10.28 18.23 -23.37
CA LYS A 210 10.47 17.19 -22.35
C LYS A 210 11.61 17.49 -21.36
N PRO A 211 12.84 17.80 -21.80
CA PRO A 211 13.91 18.11 -20.84
C PRO A 211 13.61 19.26 -19.88
N GLU A 212 13.01 20.38 -20.37
CA GLU A 212 12.68 21.53 -19.53
C GLU A 212 11.50 21.23 -18.59
N ARG A 213 10.44 20.54 -19.08
CA ARG A 213 9.30 20.15 -18.24
C ARG A 213 9.74 19.20 -17.11
N CYS A 214 10.72 18.31 -17.38
CA CYS A 214 11.26 17.45 -16.32
C CYS A 214 11.99 18.26 -15.28
N LYS A 215 12.72 19.31 -15.70
CA LYS A 215 13.48 20.20 -14.82
C LYS A 215 12.52 21.00 -13.89
N TYR A 216 11.41 21.51 -14.43
CA TYR A 216 10.43 22.23 -13.64
C TYR A 216 9.54 21.32 -12.79
N GLN A 217 9.43 20.03 -13.17
CA GLN A 217 8.65 19.08 -12.39
C GLN A 217 9.37 18.78 -11.08
N SER A 218 10.73 18.65 -11.13
CA SER A 218 11.57 18.44 -9.96
C SER A 218 11.50 19.66 -9.02
N ILE A 219 11.42 20.87 -9.59
CA ILE A 219 11.28 22.13 -8.87
C ILE A 219 9.96 22.15 -8.13
N TRP A 220 8.89 21.72 -8.79
CA TRP A 220 7.58 21.71 -8.16
C TRP A 220 7.41 20.59 -7.17
N GLU A 221 8.15 19.47 -7.33
CA GLU A 221 8.15 18.42 -6.31
C GLU A 221 8.75 18.99 -5.02
N GLN A 222 9.78 19.84 -5.12
CA GLN A 222 10.40 20.53 -4.01
C GLN A 222 9.49 21.62 -3.42
N ASN A 223 8.83 22.43 -4.26
CA ASN A 223 7.91 23.47 -3.81
C ASN A 223 6.74 22.89 -3.03
N LEU A 224 6.18 21.76 -3.52
CA LEU A 224 5.05 21.10 -2.85
C LEU A 224 5.52 20.48 -1.53
N ALA A 225 6.73 19.92 -1.50
CA ALA A 225 7.31 19.33 -0.29
C ALA A 225 7.48 20.42 0.77
N GLU A 226 7.95 21.62 0.35
CA GLU A 226 8.13 22.77 1.21
C GLU A 226 6.79 23.26 1.74
N LEU A 227 5.73 23.22 0.92
CA LEU A 227 4.38 23.63 1.33
C LEU A 227 3.86 22.73 2.46
N LEU A 228 4.02 21.39 2.31
CA LEU A 228 3.62 20.37 3.30
C LEU A 228 4.35 20.66 4.62
N HIS A 229 5.64 20.93 4.55
CA HIS A 229 6.44 21.25 5.71
C HIS A 229 5.92 22.53 6.40
N ASN A 230 5.76 23.61 5.63
CA ASN A 230 5.27 24.90 6.15
C ASN A 230 3.91 24.79 6.79
N TYR A 231 3.03 23.98 6.22
CA TYR A 231 1.67 23.82 6.72
C TYR A 231 1.50 22.68 7.73
N HIS A 232 2.60 21.98 8.07
CA HIS A 232 2.61 20.92 9.08
C HIS A 232 1.80 19.69 8.65
N ILE A 233 2.06 19.15 7.45
CA ILE A 233 1.36 17.98 6.96
C ILE A 233 2.41 16.96 6.56
N GLN A 234 2.29 15.71 7.01
CA GLN A 234 3.23 14.66 6.67
C GLN A 234 2.79 13.99 5.40
N GLY A 235 3.67 13.91 4.39
CA GLY A 235 3.31 13.26 3.14
C GLY A 235 4.45 12.86 2.25
N ARG A 236 4.10 12.23 1.14
CA ARG A 236 5.04 11.82 0.12
C ARG A 236 4.56 12.40 -1.20
N ILE A 237 5.48 12.88 -2.02
CA ILE A 237 5.12 13.41 -3.31
C ILE A 237 5.68 12.51 -4.38
N LYS A 238 4.84 12.06 -5.29
CA LYS A 238 5.28 11.18 -6.35
C LYS A 238 5.05 11.88 -7.68
N LYS A 239 6.08 11.91 -8.52
CA LYS A 239 5.98 12.50 -9.85
C LYS A 239 5.05 11.62 -10.67
N LYS A 240 4.08 12.21 -11.35
CA LYS A 240 3.14 11.46 -12.18
C LYS A 240 3.32 11.86 -13.65
N ASN A 241 3.25 10.88 -14.57
CA ASN A 241 3.31 11.15 -16.00
C ASN A 241 1.98 11.75 -16.42
N ASN A 242 2.02 12.78 -17.28
CA ASN A 242 0.79 13.44 -17.72
C ASN A 242 0.81 13.70 -19.22
N ASN A 243 1.36 12.77 -19.98
CA ASN A 243 1.46 12.94 -21.42
C ASN A 243 0.13 12.91 -22.11
N ILE A 244 -0.76 12.02 -21.64
CA ILE A 244 -2.11 11.86 -22.20
C ILE A 244 -2.97 13.10 -21.95
N GLU A 245 -2.79 13.79 -20.81
CA GLU A 245 -3.57 14.97 -20.50
C GLU A 245 -3.14 16.14 -21.38
N LEU A 246 -1.83 16.25 -21.64
CA LEU A 246 -1.25 17.29 -22.50
C LEU A 246 -1.65 17.06 -23.95
N LEU A 247 -1.60 15.79 -24.40
CA LEU A 247 -2.02 15.39 -25.73
C LEU A 247 -3.55 15.65 -25.91
N ARG A 248 -4.39 15.18 -24.97
CA ARG A 248 -5.85 15.39 -24.96
C ARG A 248 -6.17 16.88 -25.12
N HIS A 249 -5.38 17.75 -24.47
CA HIS A 249 -5.60 19.18 -24.54
C HIS A 249 -5.13 19.82 -25.86
N PHE A 250 -3.85 19.62 -26.24
CA PHE A 250 -3.32 20.29 -27.42
C PHE A 250 -3.75 19.69 -28.78
N VAL A 251 -4.44 18.52 -28.83
CA VAL A 251 -5.01 18.04 -30.11
C VAL A 251 -6.25 18.92 -30.50
N LYS A 252 -6.84 19.66 -29.54
CA LYS A 252 -8.00 20.52 -29.78
C LYS A 252 -7.74 22.00 -29.44
N ASN A 253 -6.47 22.39 -29.16
CA ASN A 253 -6.09 23.76 -28.77
C ASN A 253 -4.80 24.24 -29.46
N GLU A 254 -4.63 25.58 -29.59
CA GLU A 254 -3.43 26.13 -30.21
C GLU A 254 -2.24 25.84 -29.32
N MET A 255 -1.09 25.58 -29.94
CA MET A 255 0.12 25.29 -29.18
C MET A 255 0.65 26.50 -28.44
N ASP A 256 1.07 26.28 -27.18
CA ASP A 256 1.69 27.28 -26.32
C ASP A 256 2.79 26.50 -25.65
N LEU A 257 4.04 26.79 -26.01
CA LEU A 257 5.17 26.05 -25.48
C LEU A 257 5.47 26.35 -24.02
N GLN A 258 5.11 27.55 -23.53
CA GLN A 258 5.30 27.86 -22.11
C GLN A 258 4.30 27.11 -21.25
N GLU A 259 3.06 26.98 -21.74
CA GLU A 259 2.00 26.25 -21.08
C GLU A 259 2.31 24.75 -21.14
N LEU A 260 2.89 24.27 -22.25
CA LEU A 260 3.24 22.86 -22.40
C LEU A 260 4.42 22.47 -21.52
N THR A 261 5.38 23.39 -21.34
CA THR A 261 6.55 23.12 -20.52
C THR A 261 6.25 23.22 -19.03
N HIS A 262 5.30 24.06 -18.65
CA HIS A 262 4.96 24.26 -17.25
C HIS A 262 3.63 23.63 -16.76
N SER A 263 3.32 22.37 -17.14
CA SER A 263 2.12 21.66 -16.69
C SER A 263 2.58 20.35 -16.11
N HIS A 264 2.31 20.11 -14.82
CA HIS A 264 2.84 18.92 -14.17
C HIS A 264 1.79 18.17 -13.35
N ALA A 265 1.90 16.85 -13.27
CA ALA A 265 0.99 16.01 -12.49
C ALA A 265 1.73 15.37 -11.33
N PHE A 266 1.09 15.34 -10.15
CA PHE A 266 1.68 14.76 -8.95
C PHE A 266 0.67 13.93 -8.18
N GLU A 267 1.17 13.00 -7.34
CA GLU A 267 0.36 12.19 -6.43
C GLU A 267 0.86 12.50 -5.04
N ILE A 268 0.03 13.01 -4.14
CA ILE A 268 0.45 13.30 -2.78
C ILE A 268 -0.16 12.27 -1.83
N VAL A 269 0.71 11.49 -1.17
CA VAL A 269 0.25 10.43 -0.26
C VAL A 269 0.35 10.82 1.19
N LEU A 270 -0.81 11.01 1.82
CA LEU A 270 -0.97 11.41 3.21
C LEU A 270 -1.36 10.20 4.11
N GLN A 271 -1.44 10.42 5.46
CA GLN A 271 -1.75 9.37 6.44
C GLN A 271 -3.24 9.24 6.70
N SER A 272 -3.98 10.35 6.65
CA SER A 272 -5.37 10.51 7.16
C SER A 272 -6.23 11.34 6.20
N ILE A 273 -7.55 11.12 6.16
CA ILE A 273 -8.47 11.93 5.37
C ILE A 273 -8.45 13.37 5.91
N ALA A 274 -8.33 13.55 7.23
CA ALA A 274 -8.24 14.88 7.84
C ALA A 274 -7.06 15.66 7.29
N ASP A 275 -5.95 14.97 6.98
CA ASP A 275 -4.79 15.62 6.40
C ASP A 275 -5.02 15.95 4.91
N CYS A 276 -5.79 15.12 4.18
CA CYS A 276 -6.15 15.36 2.78
C CYS A 276 -6.96 16.65 2.71
N ASP A 277 -7.96 16.77 3.58
CA ASP A 277 -8.80 17.96 3.64
C ASP A 277 -8.01 19.18 4.10
N ARG A 278 -7.04 18.96 5.02
CA ARG A 278 -6.16 19.99 5.54
C ARG A 278 -5.17 20.51 4.46
N LEU A 279 -4.83 19.64 3.49
CA LEU A 279 -3.95 19.96 2.38
C LEU A 279 -4.69 20.76 1.34
N VAL A 280 -5.93 20.35 0.97
CA VAL A 280 -6.71 21.09 0.00
C VAL A 280 -6.94 22.54 0.48
N ALA A 281 -7.17 22.71 1.78
CA ALA A 281 -7.36 24.02 2.39
C ALA A 281 -6.10 24.87 2.24
N ALA A 282 -4.91 24.28 2.46
CA ALA A 282 -3.62 24.97 2.34
C ALA A 282 -3.34 25.35 0.90
N LEU A 283 -3.64 24.45 -0.06
CA LEU A 283 -3.44 24.69 -1.47
C LEU A 283 -4.32 25.85 -1.94
N LYS A 284 -5.56 25.93 -1.44
CA LYS A 284 -6.50 27.01 -1.78
C LYS A 284 -5.95 28.42 -1.43
N GLU A 285 -5.12 28.51 -0.39
CA GLU A 285 -4.51 29.77 0.03
C GLU A 285 -3.34 30.20 -0.83
N ASN A 286 -2.71 29.27 -1.57
CA ASN A 286 -1.54 29.58 -2.37
C ASN A 286 -1.72 29.44 -3.88
N PHE A 287 -2.86 28.93 -4.37
CA PHE A 287 -3.08 28.70 -5.79
C PHE A 287 -4.46 29.05 -6.30
N GLN A 288 -4.65 29.16 -7.66
CA GLN A 288 -5.97 29.38 -8.18
C GLN A 288 -6.54 27.99 -8.45
N VAL A 289 -7.70 27.67 -7.81
CA VAL A 289 -8.33 26.41 -8.01
C VAL A 289 -9.13 26.43 -9.29
N ILE A 290 -8.65 25.70 -10.26
CA ILE A 290 -9.27 25.54 -11.57
C ILE A 290 -10.31 24.42 -11.57
N GLN A 291 -10.09 23.37 -10.79
CA GLN A 291 -11.01 22.24 -10.75
C GLN A 291 -10.84 21.43 -9.46
N TYR A 292 -11.93 20.85 -8.95
CA TYR A 292 -11.88 20.03 -7.73
C TYR A 292 -12.90 18.89 -7.82
N GLN A 293 -12.50 17.71 -7.38
CA GLN A 293 -13.33 16.51 -7.41
C GLN A 293 -13.07 15.74 -6.14
N ASP A 294 -14.13 15.45 -5.38
CA ASP A 294 -14.02 14.69 -4.14
C ASP A 294 -14.47 13.26 -4.35
N HIS A 295 -13.52 12.35 -4.56
CA HIS A 295 -13.84 10.94 -4.67
C HIS A 295 -13.58 10.19 -3.36
N ILE A 296 -13.39 10.89 -2.22
CA ILE A 296 -13.24 10.24 -0.93
C ILE A 296 -14.67 10.02 -0.41
N ARG A 297 -15.46 11.11 -0.32
CA ARG A 297 -16.88 11.10 0.09
C ARG A 297 -17.76 10.40 -0.94
N ARG A 298 -17.40 10.49 -2.22
CA ARG A 298 -18.15 9.84 -3.28
C ARG A 298 -17.19 8.99 -4.12
N PRO A 299 -16.82 7.78 -3.64
CA PRO A 299 -15.89 6.95 -4.39
C PRO A 299 -16.27 6.70 -5.83
N LEU A 300 -15.26 6.43 -6.64
CA LEU A 300 -15.48 6.14 -8.05
C LEU A 300 -16.07 4.74 -8.16
N PRO A 301 -16.88 4.44 -9.20
CA PRO A 301 -17.38 3.05 -9.36
C PRO A 301 -16.17 2.10 -9.40
N GLY A 302 -16.14 1.18 -8.45
CA GLY A 302 -14.98 0.33 -8.26
C GLY A 302 -14.22 0.65 -6.97
N GLY A 303 -14.81 1.47 -6.09
CA GLY A 303 -14.26 1.79 -4.78
C GLY A 303 -13.08 2.72 -4.64
N ASN A 304 -12.32 3.03 -5.71
CA ASN A 304 -11.15 3.90 -5.61
C ASN A 304 -11.44 5.31 -5.09
N GLN A 305 -10.65 5.77 -4.10
CA GLN A 305 -10.82 7.06 -3.46
C GLN A 305 -9.60 7.95 -3.56
N SER A 306 -9.85 9.28 -3.72
CA SER A 306 -8.85 10.36 -3.82
C SER A 306 -9.55 11.72 -3.92
N LEU A 307 -8.79 12.81 -3.71
CA LEU A 307 -9.28 14.17 -3.95
C LEU A 307 -8.48 14.65 -5.15
N MET A 308 -9.15 15.07 -6.23
CA MET A 308 -8.45 15.58 -7.39
C MET A 308 -8.55 17.10 -7.51
N ILE A 309 -7.42 17.80 -7.58
CA ILE A 309 -7.44 19.25 -7.65
C ILE A 309 -6.52 19.79 -8.75
N LYS A 310 -7.03 20.70 -9.59
CA LYS A 310 -6.25 21.31 -10.64
C LYS A 310 -5.97 22.74 -10.22
N LEU A 311 -4.69 23.11 -10.12
CA LEU A 311 -4.27 24.43 -9.64
C LEU A 311 -3.54 25.28 -10.67
N LYS A 312 -3.60 26.58 -10.46
CA LYS A 312 -2.92 27.53 -11.31
C LYS A 312 -2.06 28.49 -10.54
N GLY A 313 -0.83 28.11 -10.34
CA GLY A 313 0.19 29.01 -9.83
C GLY A 313 0.64 29.81 -11.04
N GLU A 314 1.11 31.03 -10.89
CA GLU A 314 1.49 31.85 -12.05
C GLU A 314 2.27 31.02 -13.08
N LYS A 315 1.81 30.97 -14.34
CA LYS A 315 2.47 30.21 -15.45
C LYS A 315 2.33 28.70 -15.29
N THR A 316 2.60 28.15 -14.07
CA THR A 316 2.48 26.70 -13.82
C THR A 316 1.06 26.16 -13.54
N THR A 317 0.68 25.04 -14.20
CA THR A 317 -0.57 24.34 -13.94
C THR A 317 -0.19 23.01 -13.27
N LEU A 318 -0.81 22.70 -12.13
CA LEU A 318 -0.54 21.45 -11.43
C LEU A 318 -1.81 20.61 -11.36
N SER A 319 -1.71 19.32 -11.66
CA SER A 319 -2.83 18.40 -11.53
C SER A 319 -2.50 17.43 -10.43
N LEU A 320 -3.11 17.61 -9.27
CA LEU A 320 -2.85 16.78 -8.09
C LEU A 320 -3.91 15.69 -7.78
N THR A 321 -3.45 14.56 -7.20
CA THR A 321 -4.28 13.42 -6.77
C THR A 321 -3.90 13.14 -5.32
N ILE A 322 -4.69 13.65 -4.38
CA ILE A 322 -4.45 13.51 -2.93
C ILE A 322 -5.12 12.24 -2.44
N GLN A 323 -4.39 11.43 -1.69
CA GLN A 323 -4.82 10.11 -1.26
C GLN A 323 -4.13 9.72 0.03
N THR A 324 -4.70 8.78 0.80
CA THR A 324 -4.01 8.25 1.97
C THR A 324 -3.21 7.01 1.54
N GLU A 325 -2.29 6.54 2.41
CA GLU A 325 -1.49 5.33 2.15
C GLU A 325 -2.37 4.12 1.92
N LEU A 326 -3.44 4.00 2.71
CA LEU A 326 -4.38 2.91 2.57
C LEU A 326 -5.15 2.96 1.25
N MET A 327 -5.73 4.15 0.90
CA MET A 327 -6.47 4.36 -0.36
C MET A 327 -5.62 3.99 -1.57
N ARG A 328 -4.31 4.30 -1.51
CA ARG A 328 -3.33 4.02 -2.56
C ARG A 328 -3.08 2.48 -2.77
N LYS A 329 -3.00 1.69 -1.65
CA LYS A 329 -2.78 0.23 -1.73
C LYS A 329 -4.03 -0.53 -2.15
N ALA A 330 -5.22 0.02 -1.82
CA ALA A 330 -6.48 -0.56 -2.21
C ALA A 330 -6.70 -0.35 -3.72
N ALA A 331 -6.27 0.84 -4.24
CA ALA A 331 -6.39 1.18 -5.66
C ALA A 331 -5.35 0.46 -6.51
N ARG A 332 -4.13 0.28 -5.99
CA ARG A 332 -3.08 -0.37 -6.77
C ARG A 332 -3.11 -1.91 -6.69
N PHE A 333 -3.52 -2.48 -5.55
CA PHE A 333 -3.50 -3.95 -5.36
C PHE A 333 -4.81 -4.60 -4.88
N GLY A 334 -5.91 -3.86 -4.88
CA GLY A 334 -7.20 -4.40 -4.46
C GLY A 334 -7.35 -4.51 -2.96
N PRO B 2 19.20 25.91 35.51
CA PRO B 2 18.20 26.97 35.74
C PRO B 2 16.96 26.80 34.83
N GLY B 3 16.22 27.89 34.59
CA GLY B 3 15.08 27.89 33.68
C GLY B 3 15.45 27.67 32.22
N GLU B 4 16.77 27.72 31.91
CA GLU B 4 17.35 27.47 30.59
C GLU B 4 17.24 26.00 30.19
N GLU B 5 17.06 25.08 31.16
CA GLU B 5 16.88 23.67 30.87
C GLU B 5 15.41 23.41 30.51
N VAL B 6 14.48 24.06 31.24
CA VAL B 6 13.03 23.98 31.05
C VAL B 6 12.62 24.51 29.67
N SER B 7 13.14 25.68 29.30
CA SER B 7 12.84 26.33 28.03
C SER B 7 13.52 25.62 26.85
N GLN B 8 14.69 25.02 27.08
CA GLN B 8 15.38 24.25 26.04
C GLN B 8 14.64 22.93 25.79
N ALA B 9 14.01 22.35 26.84
CA ALA B 9 13.22 21.12 26.72
C ALA B 9 11.97 21.40 25.91
N LYS B 10 11.32 22.56 26.14
CA LYS B 10 10.11 22.93 25.40
C LYS B 10 10.38 23.05 23.88
N GLN B 11 11.58 23.51 23.52
CA GLN B 11 11.95 23.63 22.11
C GLN B 11 12.22 22.28 21.45
N GLN B 12 12.68 21.29 22.24
CA GLN B 12 12.90 19.93 21.76
C GLN B 12 11.55 19.29 21.41
N LEU B 13 10.53 19.52 22.25
CA LEU B 13 9.18 19.04 22.03
C LEU B 13 8.63 19.67 20.74
N LYS B 14 8.83 21.00 20.60
CA LYS B 14 8.40 21.77 19.43
C LYS B 14 9.01 21.26 18.12
N LEU B 15 10.28 20.82 18.13
CA LEU B 15 10.89 20.28 16.91
C LEU B 15 10.20 19.00 16.42
N ILE B 16 9.60 18.23 17.35
CA ILE B 16 8.95 16.96 17.04
C ILE B 16 7.51 17.17 16.55
N ILE B 17 6.79 18.13 17.17
CA ILE B 17 5.38 18.35 16.85
C ILE B 17 5.14 19.22 15.60
N ASP B 18 6.09 20.08 15.26
CA ASP B 18 5.96 20.93 14.07
C ASP B 18 5.71 20.16 12.76
N PRO B 19 6.42 19.06 12.45
CA PRO B 19 6.16 18.35 11.17
C PRO B 19 4.73 17.83 10.90
N TYR B 20 4.03 17.30 11.92
CA TYR B 20 2.70 16.70 11.70
C TYR B 20 1.51 17.42 12.35
N LEU B 21 1.73 18.26 13.39
CA LEU B 21 0.61 18.96 14.03
C LEU B 21 0.49 20.37 13.52
N SER B 22 -0.73 20.86 13.23
CA SER B 22 -0.96 22.23 12.75
C SER B 22 -0.54 23.31 13.78
N VAL B 23 -0.28 24.56 13.34
CA VAL B 23 0.19 25.61 14.24
C VAL B 23 -0.81 25.92 15.37
N SER B 24 -2.12 25.83 15.11
CA SER B 24 -3.12 26.08 16.15
C SER B 24 -2.99 25.03 17.26
N GLU B 25 -2.76 23.76 16.89
CA GLU B 25 -2.61 22.67 17.82
C GLU B 25 -1.26 22.75 18.54
N VAL B 26 -0.19 23.14 17.81
CA VAL B 26 1.13 23.33 18.41
C VAL B 26 1.08 24.42 19.49
N GLU B 27 0.23 25.44 19.31
CA GLU B 27 0.05 26.52 20.28
C GLU B 27 -0.51 25.94 21.58
N LYS B 28 -1.55 25.09 21.46
CA LYS B 28 -2.22 24.47 22.59
C LYS B 28 -1.29 23.57 23.41
N VAL B 29 -0.51 22.72 22.73
CA VAL B 29 0.39 21.78 23.41
C VAL B 29 1.46 22.52 24.18
N LEU B 30 2.01 23.59 23.59
CA LEU B 30 3.03 24.39 24.27
C LEU B 30 2.47 25.23 25.43
N ALA B 31 1.17 25.56 25.37
CA ALA B 31 0.47 26.30 26.42
C ALA B 31 0.36 25.44 27.68
N ALA B 32 0.08 24.13 27.49
CA ALA B 32 -0.02 23.14 28.57
C ALA B 32 1.34 22.94 29.25
N CYS B 33 2.43 22.97 28.43
CA CYS B 33 3.81 22.87 28.88
C CYS B 33 4.17 24.04 29.80
N ASP B 34 3.78 25.27 29.40
CA ASP B 34 4.00 26.49 30.16
C ASP B 34 3.19 26.50 31.45
N PHE B 35 2.00 25.89 31.45
CA PHE B 35 1.16 25.79 32.62
C PHE B 35 1.71 24.75 33.63
N GLY B 36 2.30 23.67 33.11
CA GLY B 36 2.91 22.65 33.96
C GLY B 36 4.07 23.22 34.76
N ASP B 37 4.84 24.10 34.12
CA ASP B 37 5.97 24.81 34.74
C ASP B 37 5.50 25.95 35.67
N LEU B 38 4.30 26.48 35.44
CA LEU B 38 3.73 27.54 36.28
C LEU B 38 3.28 26.94 37.61
N ALA B 39 2.62 25.76 37.58
CA ALA B 39 2.19 25.07 38.80
C ALA B 39 3.34 24.20 39.35
N HIS B 40 4.58 24.72 39.24
CA HIS B 40 5.75 24.04 39.78
C HIS B 40 6.75 24.98 40.46
N ILE B 52 8.02 18.78 36.95
CA ILE B 52 9.41 18.96 36.56
C ILE B 52 9.61 18.70 35.02
N LEU B 53 10.87 18.59 34.53
CA LEU B 53 11.14 18.30 33.11
C LEU B 53 10.73 16.85 32.70
N HIS B 54 10.34 16.01 33.70
CA HIS B 54 9.90 14.62 33.55
C HIS B 54 8.66 14.52 32.66
N PRO B 55 7.51 15.18 32.98
CA PRO B 55 6.37 15.15 32.05
C PRO B 55 6.70 15.71 30.66
N ILE B 56 7.67 16.63 30.57
CA ILE B 56 8.10 17.18 29.28
C ILE B 56 8.84 16.12 28.43
N ALA B 57 9.59 15.21 29.10
CA ALA B 57 10.32 14.09 28.48
C ALA B 57 9.36 12.96 28.10
N VAL B 58 8.33 12.74 28.94
CA VAL B 58 7.26 11.79 28.70
C VAL B 58 6.51 12.24 27.44
N SER B 59 6.14 13.54 27.36
CA SER B 59 5.43 14.10 26.21
C SER B 59 6.24 14.05 24.91
N CYS B 60 7.59 14.08 24.98
CA CYS B 60 8.46 13.99 23.80
C CYS B 60 8.43 12.58 23.21
N ILE B 61 8.34 11.56 24.08
CA ILE B 61 8.21 10.15 23.70
C ILE B 61 6.89 10.01 22.94
N LEU B 62 5.81 10.58 23.49
CA LEU B 62 4.50 10.53 22.86
C LEU B 62 4.46 11.30 21.54
N ALA B 63 5.07 12.51 21.50
CA ALA B 63 5.16 13.32 20.29
C ALA B 63 5.89 12.59 19.17
N ASN B 64 6.88 11.76 19.52
CA ASN B 64 7.61 10.98 18.52
C ASN B 64 6.78 9.87 17.92
N MET B 65 5.75 9.40 18.61
CA MET B 65 4.88 8.35 18.11
C MET B 65 3.67 8.90 17.34
N ARG B 66 3.73 10.16 16.89
CA ARG B 66 2.68 10.88 16.17
C ARG B 66 1.37 10.93 16.97
N LEU B 67 1.47 11.16 18.29
CA LEU B 67 0.29 11.19 19.14
C LEU B 67 -0.47 12.50 19.00
N ASP B 68 -1.78 12.46 19.24
CA ASP B 68 -2.68 13.60 19.14
C ASP B 68 -2.44 14.69 20.20
N PRO B 69 -2.82 15.94 19.91
CA PRO B 69 -2.55 17.05 20.86
C PRO B 69 -3.15 16.92 22.26
N GLU B 70 -4.30 16.22 22.39
CA GLU B 70 -4.96 16.03 23.68
C GLU B 70 -4.11 15.13 24.58
N THR B 71 -3.57 14.03 24.02
CA THR B 71 -2.71 13.10 24.73
C THR B 71 -1.46 13.81 25.22
N LEU B 72 -0.88 14.71 24.40
CA LEU B 72 0.35 15.43 24.74
C LEU B 72 0.11 16.43 25.85
N MET B 73 -1.04 17.15 25.83
CA MET B 73 -1.34 18.10 26.89
C MET B 73 -1.54 17.36 28.21
N ALA B 74 -2.26 16.22 28.18
CA ALA B 74 -2.49 15.39 29.35
C ALA B 74 -1.20 14.89 29.98
N ALA B 75 -0.21 14.50 29.16
CA ALA B 75 1.07 14.04 29.67
C ALA B 75 1.79 15.18 30.40
N LEU B 76 1.75 16.40 29.83
CA LEU B 76 2.37 17.60 30.39
C LEU B 76 1.75 18.02 31.72
N LEU B 77 0.44 17.81 31.88
CA LEU B 77 -0.25 18.18 33.11
C LEU B 77 -0.30 17.03 34.12
N HIS B 78 0.73 16.17 34.14
CA HIS B 78 0.78 15.04 35.05
C HIS B 78 0.72 15.48 36.50
N THR B 87 -5.36 18.90 43.55
CA THR B 87 -6.63 19.63 43.59
C THR B 87 -6.91 20.31 42.19
N LYS B 88 -7.77 21.36 42.11
CA LYS B 88 -8.09 22.17 40.90
C LYS B 88 -8.77 21.44 39.72
N ASP B 89 -9.19 20.18 39.88
CA ASP B 89 -9.78 19.36 38.82
C ASP B 89 -10.94 20.02 38.02
N ASP B 90 -11.98 20.50 38.68
CA ASP B 90 -13.11 21.12 37.99
C ASP B 90 -12.74 22.47 37.39
N ILE B 91 -11.96 23.28 38.16
CA ILE B 91 -11.48 24.60 37.76
C ILE B 91 -10.75 24.54 36.42
N ILE B 92 -9.83 23.57 36.31
CA ILE B 92 -9.07 23.42 35.10
C ILE B 92 -9.70 22.38 34.12
N GLU B 93 -10.88 22.73 33.63
CA GLU B 93 -11.53 22.10 32.48
C GLU B 93 -11.65 23.12 31.31
N ARG B 94 -10.86 24.22 31.36
CA ARG B 94 -10.68 25.26 30.39
C ARG B 94 -9.83 24.68 29.23
N PHE B 95 -8.65 24.01 29.56
CA PHE B 95 -7.77 23.32 28.58
C PHE B 95 -8.60 22.38 27.70
N GLY B 96 -9.48 21.65 28.38
CA GLY B 96 -10.41 20.70 27.80
C GLY B 96 -11.03 19.82 28.87
N GLN B 97 -12.11 19.18 28.49
CA GLN B 97 -12.76 18.19 29.34
C GLN B 97 -12.08 16.83 29.07
N THR B 98 -11.59 16.59 27.82
CA THR B 98 -10.86 15.40 27.39
C THR B 98 -9.52 15.38 28.12
N VAL B 99 -8.79 16.51 28.11
CA VAL B 99 -7.51 16.63 28.81
C VAL B 99 -7.63 16.29 30.29
N ALA B 100 -8.69 16.78 30.94
CA ALA B 100 -8.95 16.53 32.36
C ALA B 100 -9.23 15.05 32.60
N GLU B 101 -10.12 14.41 31.79
CA GLU B 101 -10.42 12.99 31.95
C GLU B 101 -9.16 12.14 31.76
N LEU B 102 -8.28 12.56 30.85
CA LEU B 102 -7.04 11.83 30.62
C LEU B 102 -6.11 12.01 31.80
N VAL B 103 -6.00 13.24 32.35
CA VAL B 103 -5.15 13.58 33.50
C VAL B 103 -5.59 12.84 34.78
N ASP B 104 -6.90 12.67 34.94
CA ASP B 104 -7.45 11.98 36.09
C ASP B 104 -7.31 10.47 35.92
N GLY B 105 -7.60 9.97 34.72
CA GLY B 105 -7.48 8.56 34.42
C GLY B 105 -6.07 8.03 34.64
N VAL B 106 -5.06 8.80 34.27
CA VAL B 106 -3.66 8.40 34.45
C VAL B 106 -3.29 8.37 35.93
N THR B 107 -3.77 9.34 36.74
CA THR B 107 -3.48 9.32 38.18
C THR B 107 -4.18 8.15 38.88
N LYS B 108 -5.37 7.76 38.38
CA LYS B 108 -6.13 6.63 38.91
C LYS B 108 -5.35 5.32 38.72
N LEU B 109 -4.71 5.17 37.56
CA LEU B 109 -3.95 3.97 37.27
C LEU B 109 -2.70 3.86 38.15
N SER B 110 -2.09 5.01 38.54
CA SER B 110 -0.92 5.10 39.40
C SER B 110 -1.26 4.72 40.86
N ALA B 120 -3.96 -8.12 41.98
CA ALA B 120 -5.04 -8.50 41.09
C ALA B 120 -5.94 -7.32 40.77
N ALA B 121 -6.22 -6.47 41.78
CA ALA B 121 -7.04 -5.26 41.61
C ALA B 121 -6.39 -4.22 40.68
N SER B 122 -5.05 -4.25 40.59
CA SER B 122 -4.27 -3.36 39.72
C SER B 122 -4.46 -3.85 38.29
N PHE B 123 -4.38 -5.19 38.07
CA PHE B 123 -4.57 -5.80 36.76
C PHE B 123 -5.96 -5.47 36.23
N ARG B 124 -6.98 -5.51 37.11
CA ARG B 124 -8.35 -5.17 36.71
C ARG B 124 -8.41 -3.70 36.29
N LYS B 125 -7.82 -2.82 37.06
CA LYS B 125 -7.80 -1.40 36.74
C LYS B 125 -7.10 -1.10 35.43
N ILE B 126 -5.97 -1.79 35.13
CA ILE B 126 -5.24 -1.59 33.88
C ILE B 126 -6.10 -2.04 32.72
N LEU B 127 -6.69 -3.22 32.83
CA LEU B 127 -7.53 -3.75 31.77
C LEU B 127 -8.74 -2.86 31.50
N GLN B 128 -9.40 -2.40 32.57
CA GLN B 128 -10.57 -1.54 32.45
C GLN B 128 -10.24 -0.23 31.76
N ALA B 129 -9.09 0.37 32.11
CA ALA B 129 -8.65 1.63 31.50
C ALA B 129 -8.37 1.48 30.00
N THR B 130 -7.93 0.32 29.56
CA THR B 130 -7.69 0.05 28.14
C THR B 130 -9.00 0.15 27.36
N LEU B 131 -10.08 -0.38 27.94
CA LEU B 131 -11.40 -0.35 27.29
C LEU B 131 -12.07 1.03 27.35
N GLN B 132 -11.73 1.83 28.35
CA GLN B 132 -12.26 3.19 28.52
C GLN B 132 -11.62 4.10 27.45
N ASP B 133 -10.30 4.27 27.50
CA ASP B 133 -9.57 5.07 26.52
C ASP B 133 -8.17 4.54 26.50
N PRO B 134 -7.73 3.98 25.35
CA PRO B 134 -6.35 3.50 25.25
C PRO B 134 -5.30 4.58 25.44
N ARG B 135 -5.66 5.87 25.25
CA ARG B 135 -4.74 6.98 25.45
C ARG B 135 -4.23 7.09 26.90
N VAL B 136 -4.96 6.55 27.86
CA VAL B 136 -4.56 6.51 29.28
C VAL B 136 -3.40 5.53 29.44
N ILE B 137 -3.49 4.36 28.74
CA ILE B 137 -2.49 3.31 28.71
C ILE B 137 -1.27 3.80 27.92
N ILE B 138 -1.50 4.49 26.79
CA ILE B 138 -0.41 5.03 25.98
C ILE B 138 0.42 6.06 26.78
N ILE B 139 -0.23 6.89 27.61
CA ILE B 139 0.52 7.83 28.47
C ILE B 139 1.27 7.07 29.56
N LYS B 140 0.62 6.08 30.18
CA LYS B 140 1.22 5.25 31.22
C LYS B 140 2.47 4.53 30.71
N LEU B 141 2.42 4.00 29.49
CA LEU B 141 3.52 3.31 28.84
C LEU B 141 4.70 4.22 28.55
N ALA B 142 4.44 5.47 28.12
CA ALA B 142 5.50 6.44 27.87
C ALA B 142 6.18 6.83 29.19
N ASP B 143 5.42 6.92 30.28
CA ASP B 143 5.91 7.26 31.60
C ASP B 143 6.81 6.15 32.15
N ARG B 144 6.41 4.85 31.92
CA ARG B 144 7.23 3.72 32.35
C ARG B 144 8.50 3.64 31.50
N TYR B 145 8.42 3.97 30.18
CA TYR B 145 9.59 3.96 29.32
C TYR B 145 10.63 4.97 29.84
N HIS B 146 10.17 6.19 30.14
CA HIS B 146 11.05 7.23 30.66
C HIS B 146 11.67 6.84 32.01
N ASN B 147 10.92 6.12 32.88
CA ASN B 147 11.46 5.67 34.15
C ASN B 147 12.56 4.63 33.96
N MET B 148 12.39 3.69 33.00
CA MET B 148 13.40 2.67 32.73
C MET B 148 14.76 3.25 32.35
N THR B 149 14.75 4.41 31.70
CA THR B 149 15.95 5.09 31.27
C THR B 149 16.66 5.69 32.49
N THR B 150 15.90 6.31 33.38
CA THR B 150 16.40 6.96 34.58
C THR B 150 16.50 6.03 35.80
N LEU B 151 16.67 4.73 35.56
CA LEU B 151 16.76 3.76 36.66
C LEU B 151 18.15 3.58 37.26
N GLY B 152 19.18 4.05 36.53
CA GLY B 152 20.60 3.92 36.84
C GLY B 152 21.10 4.15 38.24
N ALA B 153 20.64 5.23 38.93
CA ALA B 153 21.09 5.59 40.28
C ALA B 153 20.81 4.51 41.35
N LEU B 154 19.60 3.91 41.34
CA LEU B 154 19.09 2.89 42.26
C LEU B 154 20.01 1.63 42.43
N ARG B 155 19.79 0.91 43.56
CA ARG B 155 20.53 -0.30 43.95
C ARG B 155 20.19 -1.42 43.02
N PRO B 156 21.16 -2.28 42.65
CA PRO B 156 20.86 -3.35 41.70
C PRO B 156 19.66 -4.20 42.04
N ASP B 157 19.35 -4.32 43.34
CA ASP B 157 18.18 -5.08 43.80
C ASP B 157 16.87 -4.36 43.48
N LYS B 158 16.80 -3.03 43.69
CA LYS B 158 15.58 -2.26 43.41
C LYS B 158 15.37 -2.10 41.90
N ARG B 159 16.45 -1.91 41.14
CA ARG B 159 16.38 -1.79 39.69
C ARG B 159 15.76 -3.04 39.05
N ALA B 160 16.13 -4.24 39.50
CA ALA B 160 15.59 -5.47 38.96
C ALA B 160 14.14 -5.77 39.39
N ARG B 161 13.61 -5.03 40.40
CA ARG B 161 12.24 -5.19 40.87
C ARG B 161 11.29 -4.39 39.98
N ILE B 162 11.69 -3.16 39.64
CA ILE B 162 10.95 -2.27 38.76
C ILE B 162 10.98 -2.85 37.34
N ALA B 163 12.16 -3.37 36.91
CA ALA B 163 12.32 -4.01 35.62
C ALA B 163 11.43 -5.25 35.49
N GLN B 164 11.26 -6.01 36.58
CA GLN B 164 10.39 -7.19 36.53
C GLN B 164 8.91 -6.79 36.43
N GLU B 165 8.48 -5.73 37.10
CA GLU B 165 7.09 -5.28 37.03
C GLU B 165 6.77 -4.79 35.62
N THR B 166 7.75 -4.11 34.98
CA THR B 166 7.60 -3.59 33.62
C THR B 166 7.54 -4.74 32.59
N PHE B 167 8.33 -5.77 32.81
CA PHE B 167 8.41 -6.94 31.96
C PHE B 167 7.09 -7.72 31.97
N ASP B 168 6.49 -7.87 33.15
CA ASP B 168 5.27 -8.66 33.31
C ASP B 168 4.03 -7.90 32.98
N ILE B 169 4.02 -6.58 33.26
CA ILE B 169 2.82 -5.79 33.03
C ILE B 169 2.89 -4.91 31.79
N PHE B 170 3.86 -4.01 31.70
CA PHE B 170 3.89 -3.00 30.64
C PHE B 170 4.34 -3.48 29.29
N VAL B 171 5.22 -4.49 29.22
CA VAL B 171 5.65 -4.98 27.90
C VAL B 171 4.46 -5.65 27.18
N PRO B 172 3.71 -6.59 27.80
CA PRO B 172 2.56 -7.19 27.10
C PRO B 172 1.41 -6.19 26.89
N MET B 173 1.26 -5.22 27.79
CA MET B 173 0.20 -4.22 27.65
C MET B 173 0.45 -3.32 26.44
N ALA B 174 1.74 -3.06 26.10
CA ALA B 174 2.19 -2.26 24.97
C ALA B 174 1.94 -2.98 23.67
N ARG B 175 2.16 -4.29 23.64
CA ARG B 175 1.89 -5.07 22.44
C ARG B 175 0.36 -5.12 22.22
N LEU B 176 -0.43 -5.28 23.31
CA LEU B 176 -1.89 -5.35 23.27
C LEU B 176 -2.51 -4.09 22.63
N VAL B 177 -1.96 -2.91 22.95
CA VAL B 177 -2.47 -1.67 22.39
C VAL B 177 -1.81 -1.28 21.04
N GLY B 178 -1.11 -2.22 20.39
CA GLY B 178 -0.47 -2.03 19.10
C GLY B 178 0.93 -1.42 19.07
N MET B 179 1.43 -0.91 20.21
CA MET B 179 2.76 -0.28 20.30
C MET B 179 3.91 -1.27 20.39
N ASN B 180 4.18 -1.98 19.29
CA ASN B 180 5.20 -3.01 19.23
C ASN B 180 6.62 -2.52 19.26
N GLU B 181 6.91 -1.34 18.69
CA GLU B 181 8.29 -0.83 18.75
C GLU B 181 8.59 -0.39 20.17
N MET B 182 7.64 0.31 20.80
CA MET B 182 7.70 0.77 22.19
C MET B 182 7.92 -0.44 23.12
N ALA B 183 7.25 -1.58 22.83
CA ALA B 183 7.39 -2.78 23.63
C ALA B 183 8.76 -3.40 23.53
N ASP B 184 9.32 -3.48 22.31
CA ASP B 184 10.67 -4.02 22.08
C ASP B 184 11.71 -3.19 22.84
N ASN B 185 11.57 -1.86 22.82
CA ASN B 185 12.47 -0.94 23.49
C ASN B 185 12.37 -1.12 25.00
N LEU B 186 11.14 -1.25 25.51
CA LEU B 186 10.90 -1.46 26.93
C LEU B 186 11.51 -2.79 27.37
N GLU B 187 11.26 -3.87 26.62
CA GLU B 187 11.76 -5.21 26.90
C GLU B 187 13.28 -5.21 26.97
N ASN B 188 13.93 -4.47 26.04
CA ASN B 188 15.38 -4.34 25.98
C ASN B 188 15.91 -3.73 27.28
N LEU B 189 15.33 -2.59 27.74
CA LEU B 189 15.73 -1.93 28.99
C LEU B 189 15.49 -2.84 30.21
N CYS B 190 14.44 -3.70 30.17
CA CYS B 190 14.18 -4.62 31.27
C CYS B 190 15.33 -5.59 31.43
N TYR B 191 15.76 -6.26 30.33
CA TYR B 191 16.87 -7.21 30.36
C TYR B 191 18.14 -6.58 30.86
N GLN B 192 18.35 -5.30 30.55
CA GLN B 192 19.54 -4.56 30.94
C GLN B 192 19.59 -4.38 32.48
N ASN B 193 18.41 -4.15 33.09
CA ASN B 193 18.28 -3.93 34.54
C ASN B 193 18.01 -5.24 35.34
N LEU B 194 17.59 -6.31 34.66
CA LEU B 194 17.33 -7.59 35.33
C LEU B 194 18.62 -8.35 35.55
N ASP B 195 19.52 -8.34 34.53
CA ASP B 195 20.79 -9.06 34.55
C ASP B 195 21.67 -8.41 33.50
N LEU B 196 22.46 -7.43 33.93
CA LEU B 196 23.36 -6.72 33.03
C LEU B 196 24.41 -7.63 32.41
N ASP B 197 24.97 -8.56 33.17
CA ASP B 197 25.98 -9.48 32.67
C ASP B 197 25.42 -10.38 31.61
N MET B 198 24.18 -10.86 31.79
CA MET B 198 23.55 -11.72 30.80
C MET B 198 23.29 -10.94 29.52
N PHE B 199 22.82 -9.69 29.67
CA PHE B 199 22.53 -8.80 28.55
C PHE B 199 23.81 -8.56 27.75
N ASP B 200 24.92 -8.29 28.45
CA ASP B 200 26.23 -8.03 27.89
C ASP B 200 26.79 -9.26 27.20
N ASN B 201 26.66 -10.45 27.79
CA ASN B 201 27.13 -11.68 27.16
C ASN B 201 26.44 -11.92 25.82
N VAL B 202 25.11 -11.79 25.80
CA VAL B 202 24.30 -12.02 24.62
C VAL B 202 24.49 -10.91 23.58
N GLN B 203 24.59 -9.64 23.99
CA GLN B 203 24.85 -8.55 23.03
C GLN B 203 26.20 -8.76 22.34
N ASN B 204 27.19 -9.28 23.09
CA ASN B 204 28.52 -9.57 22.59
C ASN B 204 28.48 -10.71 21.58
N ALA B 205 27.74 -11.79 21.90
CA ALA B 205 27.61 -12.93 20.96
C ALA B 205 26.94 -12.45 19.67
N LEU B 206 25.91 -11.59 19.79
CA LEU B 206 25.23 -10.98 18.65
C LEU B 206 26.22 -10.18 17.80
N LEU B 207 27.04 -9.32 18.42
CA LEU B 207 28.02 -8.51 17.71
C LEU B 207 29.04 -9.36 16.97
N GLN B 208 29.64 -10.36 17.63
CA GLN B 208 30.64 -11.27 17.03
C GLN B 208 30.11 -12.07 15.83
N THR B 209 28.86 -12.56 15.90
CA THR B 209 28.21 -13.36 14.87
C THR B 209 27.52 -12.52 13.82
N LYS B 210 27.47 -11.17 13.96
CA LYS B 210 26.77 -10.24 13.07
C LYS B 210 27.14 -10.35 11.59
N PRO B 211 28.44 -10.32 11.16
CA PRO B 211 28.73 -10.48 9.73
C PRO B 211 28.25 -11.81 9.13
N GLU B 212 28.35 -12.92 9.86
CA GLU B 212 27.90 -14.21 9.36
C GLU B 212 26.38 -14.27 9.30
N ARG B 213 25.69 -13.65 10.27
CA ARG B 213 24.23 -13.63 10.28
C ARG B 213 23.71 -12.79 9.09
N CYS B 214 24.32 -11.63 8.82
CA CYS B 214 23.96 -10.79 7.68
C CYS B 214 24.17 -11.51 6.36
N LYS B 215 25.28 -12.27 6.25
CA LYS B 215 25.63 -13.05 5.07
C LYS B 215 24.56 -14.09 4.77
N TYR B 216 24.14 -14.85 5.79
CA TYR B 216 23.14 -15.89 5.58
C TYR B 216 21.74 -15.33 5.43
N GLN B 217 21.48 -14.11 5.93
CA GLN B 217 20.16 -13.50 5.80
C GLN B 217 19.92 -13.11 4.33
N SER B 218 20.98 -12.61 3.64
CA SER B 218 20.93 -12.27 2.22
C SER B 218 20.71 -13.52 1.37
N ILE B 219 21.31 -14.64 1.78
CA ILE B 219 21.19 -15.94 1.13
C ILE B 219 19.75 -16.43 1.24
N TRP B 220 19.14 -16.26 2.42
CA TRP B 220 17.77 -16.68 2.63
C TRP B 220 16.75 -15.75 2.01
N GLU B 221 17.09 -14.46 1.82
CA GLU B 221 16.24 -13.55 1.09
C GLU B 221 16.13 -14.03 -0.37
N GLN B 222 17.26 -14.53 -0.93
CA GLN B 222 17.32 -15.09 -2.27
C GLN B 222 16.61 -16.44 -2.36
N ASN B 223 16.79 -17.33 -1.38
CA ASN B 223 16.13 -18.65 -1.34
C ASN B 223 14.61 -18.50 -1.28
N LEU B 224 14.11 -17.55 -0.47
CA LEU B 224 12.68 -17.31 -0.34
C LEU B 224 12.13 -16.69 -1.63
N ALA B 225 12.90 -15.79 -2.28
CA ALA B 225 12.52 -15.16 -3.54
C ALA B 225 12.39 -16.23 -4.62
N GLU B 226 13.33 -17.19 -4.65
CA GLU B 226 13.35 -18.32 -5.57
C GLU B 226 12.15 -19.21 -5.33
N LEU B 227 11.74 -19.42 -4.06
CA LEU B 227 10.59 -20.25 -3.71
C LEU B 227 9.30 -19.64 -4.29
N LEU B 228 9.12 -18.32 -4.12
CA LEU B 228 7.97 -17.56 -4.62
C LEU B 228 7.90 -17.72 -6.15
N HIS B 229 9.04 -17.58 -6.82
CA HIS B 229 9.14 -17.74 -8.26
C HIS B 229 8.73 -19.16 -8.68
N ASN B 230 9.33 -20.17 -8.06
CA ASN B 230 9.07 -21.58 -8.35
C ASN B 230 7.61 -21.95 -8.16
N TYR B 231 6.99 -21.39 -7.11
CA TYR B 231 5.60 -21.69 -6.79
C TYR B 231 4.58 -20.76 -7.46
N HIS B 232 5.06 -19.78 -8.25
CA HIS B 232 4.19 -18.84 -8.98
C HIS B 232 3.42 -17.91 -8.06
N ILE B 233 4.11 -17.23 -7.14
CA ILE B 233 3.47 -16.28 -6.21
C ILE B 233 4.22 -14.96 -6.34
N GLN B 234 3.51 -13.86 -6.53
CA GLN B 234 4.14 -12.55 -6.65
C GLN B 234 4.27 -11.94 -5.30
N GLY B 235 5.48 -11.50 -4.94
CA GLY B 235 5.68 -10.87 -3.64
C GLY B 235 6.95 -10.08 -3.46
N ARG B 236 7.11 -9.51 -2.28
CA ARG B 236 8.27 -8.73 -1.90
C ARG B 236 8.78 -9.32 -0.61
N ILE B 237 10.11 -9.44 -0.47
CA ILE B 237 10.71 -9.95 0.75
C ILE B 237 11.46 -8.85 1.40
N LYS B 238 11.17 -8.57 2.67
CA LYS B 238 11.83 -7.51 3.40
C LYS B 238 12.60 -8.13 4.54
N LYS B 239 13.90 -7.79 4.66
CA LYS B 239 14.75 -8.27 5.75
C LYS B 239 14.24 -7.62 7.02
N LYS B 240 14.04 -8.40 8.08
CA LYS B 240 13.54 -7.86 9.32
C LYS B 240 14.56 -8.11 10.43
N ASN B 241 14.83 -7.10 11.28
CA ASN B 241 15.80 -7.25 12.37
C ASN B 241 15.17 -8.13 13.46
N ASN B 242 15.93 -9.05 14.03
CA ASN B 242 15.41 -9.95 15.06
C ASN B 242 16.28 -10.00 16.29
N ASN B 243 16.95 -8.89 16.61
CA ASN B 243 17.84 -8.89 17.75
C ASN B 243 17.11 -8.98 19.06
N ILE B 244 15.86 -8.44 19.17
CA ILE B 244 15.06 -8.57 20.40
C ILE B 244 14.59 -10.01 20.60
N GLU B 245 14.30 -10.74 19.51
CA GLU B 245 13.82 -12.12 19.62
C GLU B 245 14.97 -13.03 20.06
N LEU B 246 16.18 -12.80 19.48
CA LEU B 246 17.37 -13.55 19.79
C LEU B 246 17.77 -13.26 21.24
N LEU B 247 17.79 -11.97 21.65
CA LEU B 247 18.07 -11.56 23.01
C LEU B 247 17.09 -12.21 24.00
N ARG B 248 15.77 -12.09 23.76
CA ARG B 248 14.71 -12.69 24.56
C ARG B 248 14.93 -14.18 24.81
N HIS B 249 15.37 -14.89 23.76
CA HIS B 249 15.58 -16.32 23.85
C HIS B 249 16.84 -16.66 24.64
N PHE B 250 17.97 -16.01 24.30
CA PHE B 250 19.24 -16.38 24.91
C PHE B 250 19.47 -15.83 26.29
N VAL B 251 18.62 -14.90 26.78
CA VAL B 251 18.77 -14.46 28.18
C VAL B 251 18.33 -15.63 29.11
N LYS B 252 17.35 -16.43 28.70
CA LYS B 252 16.90 -17.56 29.49
C LYS B 252 17.34 -18.89 28.87
N ASN B 253 18.45 -18.92 28.16
CA ASN B 253 18.91 -20.17 27.53
C ASN B 253 20.43 -20.22 27.40
N GLU B 254 20.96 -21.42 27.22
CA GLU B 254 22.39 -21.61 26.99
C GLU B 254 22.70 -21.08 25.60
N MET B 255 23.91 -20.53 25.41
CA MET B 255 24.30 -20.01 24.11
C MET B 255 24.52 -21.10 23.09
N ASP B 256 24.07 -20.87 21.85
CA ASP B 256 24.25 -21.74 20.70
C ASP B 256 24.57 -20.77 19.60
N LEU B 257 25.83 -20.73 19.16
CA LEU B 257 26.26 -19.80 18.14
C LEU B 257 25.75 -20.16 16.75
N GLN B 258 25.46 -21.46 16.48
CA GLN B 258 24.92 -21.85 15.18
C GLN B 258 23.46 -21.41 15.08
N GLU B 259 22.71 -21.52 16.18
CA GLU B 259 21.35 -21.06 16.24
C GLU B 259 21.31 -19.54 16.20
N LEU B 260 22.24 -18.86 16.84
CA LEU B 260 22.29 -17.41 16.85
C LEU B 260 22.57 -16.87 15.45
N THR B 261 23.41 -17.56 14.68
CA THR B 261 23.79 -17.11 13.33
C THR B 261 22.76 -17.49 12.27
N HIS B 262 22.11 -18.65 12.43
CA HIS B 262 21.19 -19.15 11.45
C HIS B 262 19.72 -19.06 11.87
N SER B 263 19.33 -17.89 12.42
CA SER B 263 17.96 -17.54 12.81
C SER B 263 17.68 -16.21 12.17
N HIS B 264 16.79 -16.17 11.18
CA HIS B 264 16.50 -14.92 10.47
C HIS B 264 15.00 -14.59 10.44
N ALA B 265 14.65 -13.31 10.41
CA ALA B 265 13.27 -12.86 10.36
C ALA B 265 13.03 -12.11 9.05
N PHE B 266 11.88 -12.38 8.43
CA PHE B 266 11.50 -11.77 7.15
C PHE B 266 10.04 -11.37 7.13
N GLU B 267 9.70 -10.41 6.27
CA GLU B 267 8.33 -9.99 6.03
C GLU B 267 8.04 -10.22 4.57
N ILE B 268 7.05 -11.03 4.23
CA ILE B 268 6.71 -11.29 2.84
C ILE B 268 5.41 -10.58 2.48
N VAL B 269 5.48 -9.63 1.54
CA VAL B 269 4.31 -8.84 1.15
C VAL B 269 3.71 -9.30 -0.16
N LEU B 270 2.51 -9.89 -0.07
CA LEU B 270 1.75 -10.43 -1.18
C LEU B 270 0.57 -9.50 -1.56
N GLN B 271 -0.24 -9.86 -2.57
CA GLN B 271 -1.32 -8.97 -3.02
C GLN B 271 -2.67 -9.38 -2.50
N SER B 272 -2.86 -10.70 -2.36
CA SER B 272 -4.16 -11.33 -2.02
C SER B 272 -4.02 -12.24 -0.80
N ILE B 273 -5.10 -12.44 -0.03
CA ILE B 273 -5.13 -13.43 1.05
C ILE B 273 -4.98 -14.83 0.44
N ALA B 274 -5.57 -15.08 -0.74
CA ALA B 274 -5.43 -16.37 -1.42
C ALA B 274 -3.95 -16.69 -1.68
N ASP B 275 -3.13 -15.68 -1.97
CA ASP B 275 -1.71 -15.88 -2.17
C ASP B 275 -0.98 -16.13 -0.85
N CYS B 276 -1.44 -15.53 0.26
CA CYS B 276 -0.88 -15.74 1.61
C CYS B 276 -1.10 -17.20 1.98
N ASP B 277 -2.31 -17.71 1.78
CA ASP B 277 -2.64 -19.09 2.08
C ASP B 277 -1.92 -20.04 1.13
N ARG B 278 -1.74 -19.62 -0.13
CA ARG B 278 -1.03 -20.38 -1.16
C ARG B 278 0.49 -20.48 -0.83
N LEU B 279 1.03 -19.46 -0.12
CA LEU B 279 2.43 -19.40 0.28
C LEU B 279 2.65 -20.28 1.49
N VAL B 280 1.76 -20.26 2.48
CA VAL B 280 1.89 -21.13 3.66
C VAL B 280 1.87 -22.61 3.23
N ALA B 281 1.05 -22.94 2.26
CA ALA B 281 0.96 -24.29 1.72
C ALA B 281 2.28 -24.70 1.08
N ALA B 282 2.91 -23.79 0.31
CA ALA B 282 4.19 -24.04 -0.36
C ALA B 282 5.31 -24.21 0.65
N LEU B 283 5.33 -23.36 1.70
CA LEU B 283 6.33 -23.41 2.76
C LEU B 283 6.23 -24.74 3.52
N LYS B 284 5.00 -25.23 3.76
CA LYS B 284 4.77 -26.51 4.43
C LYS B 284 5.44 -27.71 3.71
N GLU B 285 5.56 -27.63 2.37
CA GLU B 285 6.18 -28.68 1.57
C GLU B 285 7.69 -28.66 1.62
N ASN B 286 8.31 -27.52 1.99
CA ASN B 286 9.75 -27.40 1.99
C ASN B 286 10.39 -27.21 3.36
N PHE B 287 9.61 -27.01 4.44
CA PHE B 287 10.17 -26.73 5.77
C PHE B 287 9.43 -27.42 6.90
N GLN B 288 10.05 -27.54 8.09
CA GLN B 288 9.36 -28.12 9.23
C GLN B 288 8.64 -26.95 9.91
N VAL B 289 7.32 -27.03 10.06
CA VAL B 289 6.55 -25.96 10.70
C VAL B 289 6.62 -26.11 12.20
N ILE B 290 7.32 -25.19 12.82
CA ILE B 290 7.54 -25.11 14.26
C ILE B 290 6.39 -24.36 14.94
N GLN B 291 5.83 -23.35 14.26
CA GLN B 291 4.76 -22.54 14.85
C GLN B 291 3.95 -21.84 13.76
N TYR B 292 2.65 -21.67 13.98
CA TYR B 292 1.78 -20.99 13.02
C TYR B 292 0.69 -20.22 13.75
N GLN B 293 0.43 -19.01 13.29
CA GLN B 293 -0.55 -18.12 13.89
C GLN B 293 -1.29 -17.43 12.77
N ASP B 294 -2.61 -17.53 12.74
CA ASP B 294 -3.43 -16.90 11.71
C ASP B 294 -4.08 -15.66 12.27
N HIS B 295 -3.51 -14.50 12.01
CA HIS B 295 -4.13 -13.24 12.41
C HIS B 295 -4.87 -12.58 11.25
N ILE B 296 -5.13 -13.30 10.13
CA ILE B 296 -5.91 -12.74 9.04
C ILE B 296 -7.39 -13.02 9.40
N ARG B 297 -7.73 -14.31 9.66
CA ARG B 297 -9.07 -14.77 10.10
C ARG B 297 -9.40 -14.28 11.51
N ARG B 298 -8.40 -14.15 12.36
CA ARG B 298 -8.59 -13.66 13.72
C ARG B 298 -7.65 -12.49 13.97
N PRO B 299 -7.98 -11.28 13.48
CA PRO B 299 -7.09 -10.14 13.68
C PRO B 299 -6.68 -9.89 15.12
N LEU B 300 -5.53 -9.25 15.27
CA LEU B 300 -5.01 -8.90 16.57
C LEU B 300 -5.85 -7.75 17.14
N PRO B 301 -5.96 -7.60 18.48
CA PRO B 301 -6.66 -6.40 19.03
C PRO B 301 -5.96 -5.14 18.49
N GLY B 302 -6.75 -4.36 17.77
CA GLY B 302 -6.27 -3.20 17.03
C GLY B 302 -6.32 -3.40 15.52
N GLY B 303 -7.00 -4.45 15.05
CA GLY B 303 -7.21 -4.72 13.65
C GLY B 303 -6.09 -5.25 12.77
N ASN B 304 -4.81 -5.19 13.23
CA ASN B 304 -3.68 -5.66 12.39
C ASN B 304 -3.76 -7.14 11.99
N GLN B 305 -3.54 -7.42 10.70
CA GLN B 305 -3.63 -8.76 10.15
C GLN B 305 -2.34 -9.22 9.48
N SER B 306 -2.03 -10.54 9.62
CA SER B 306 -0.88 -11.24 9.07
C SER B 306 -0.95 -12.74 9.38
N LEU B 307 -0.14 -13.56 8.70
CA LEU B 307 0.01 -14.99 9.02
C LEU B 307 1.43 -15.09 9.55
N MET B 308 1.62 -15.61 10.76
CA MET B 308 2.96 -15.77 11.30
C MET B 308 3.38 -17.23 11.30
N ILE B 309 4.53 -17.55 10.67
CA ILE B 309 4.97 -18.93 10.61
C ILE B 309 6.45 -19.05 10.96
N LYS B 310 6.78 -19.99 11.85
CA LYS B 310 8.16 -20.25 12.25
C LYS B 310 8.56 -21.57 11.60
N LEU B 311 9.62 -21.54 10.80
CA LEU B 311 10.07 -22.70 10.05
C LEU B 311 11.47 -23.20 10.42
N LYS B 312 11.70 -24.48 10.19
CA LYS B 312 12.98 -25.12 10.42
C LYS B 312 13.51 -25.79 9.17
N GLY B 313 14.27 -25.05 8.39
CA GLY B 313 15.03 -25.63 7.30
C GLY B 313 16.24 -26.30 7.93
N GLU B 314 16.77 -27.44 7.41
CA GLU B 314 17.94 -28.09 8.05
C GLU B 314 19.08 -27.07 8.36
N LYS B 315 19.42 -26.94 9.66
CA LYS B 315 20.45 -26.01 10.15
C LYS B 315 20.01 -24.52 10.19
N THR B 316 18.73 -24.20 9.90
CA THR B 316 18.21 -22.82 9.81
C THR B 316 16.81 -22.62 10.40
N THR B 317 16.57 -21.45 10.97
CA THR B 317 15.27 -21.12 11.54
C THR B 317 14.82 -19.79 10.96
N LEU B 318 13.62 -19.78 10.39
CA LEU B 318 13.07 -18.57 9.80
C LEU B 318 11.79 -18.17 10.51
N SER B 319 11.66 -16.89 10.83
CA SER B 319 10.44 -16.35 11.44
C SER B 319 9.83 -15.44 10.42
N LEU B 320 8.76 -15.90 9.77
CA LEU B 320 8.08 -15.15 8.72
C LEU B 320 6.76 -14.45 9.15
N THR B 321 6.45 -13.30 8.51
CA THR B 321 5.24 -12.50 8.71
C THR B 321 4.65 -12.25 7.33
N ILE B 322 3.67 -13.06 6.94
CA ILE B 322 3.03 -12.97 5.62
C ILE B 322 1.84 -12.00 5.71
N GLN B 323 1.78 -11.06 4.77
CA GLN B 323 0.81 -9.99 4.79
C GLN B 323 0.52 -9.52 3.37
N THR B 324 -0.64 -8.88 3.14
CA THR B 324 -0.90 -8.27 1.84
C THR B 324 -0.43 -6.81 1.88
N GLU B 325 -0.33 -6.16 0.71
CA GLU B 325 0.05 -4.75 0.60
C GLU B 325 -0.90 -3.86 1.37
N LEU B 326 -2.19 -4.17 1.31
CA LEU B 326 -3.21 -3.42 2.04
C LEU B 326 -3.06 -3.59 3.55
N MET B 327 -2.94 -4.85 4.05
CA MET B 327 -2.75 -5.15 5.47
C MET B 327 -1.55 -4.41 6.06
N ARG B 328 -0.52 -4.21 5.24
CA ARG B 328 0.70 -3.53 5.61
C ARG B 328 0.51 -2.01 5.78
N LYS B 329 -0.27 -1.37 4.89
CA LYS B 329 -0.53 0.06 4.99
C LYS B 329 -1.53 0.41 6.10
N ALA B 330 -2.27 -0.57 6.59
CA ALA B 330 -3.21 -0.32 7.71
C ALA B 330 -2.46 -0.38 9.04
N ALA B 331 -1.47 -1.25 9.16
CA ALA B 331 -0.62 -1.34 10.37
C ALA B 331 0.24 -0.08 10.53
N ARG B 332 0.76 0.46 9.43
CA ARG B 332 1.60 1.67 9.46
C ARG B 332 0.87 2.83 8.78
#